data_3AJA
#
_entry.id   3AJA
#
_cell.length_a   130.434
_cell.length_b   130.434
_cell.length_c   209.533
_cell.angle_alpha   90.00
_cell.angle_beta   90.00
_cell.angle_gamma   90.00
#
_symmetry.space_group_name_H-M   'I 41 2 2'
#
loop_
_entity.id
_entity.type
_entity.pdbx_description
1 polymer 'Putative uncharacterized protein'
2 water water
#
_entity_poly.entity_id   1
_entity_poly.type   'polypeptide(L)'
_entity_poly.pdbx_seq_one_letter_code
;MRRPDTPATPPPSAEPPGGVVVPPGTRKPRPEFQSADCPDVMMVSIPGTWESSPTDDPFNPTQFPLSLMSNISKPLAEQF
GPDRLQVYTTPYTAQFHNPFAADKQMSYNDSRAEGMRTTVKAMTDMNDRCPLTSYVIAGFSQGAVIAGDIASDIGNGRGP
VDEDLVLGVTLIADGRRQMGVGQDVGPNPAGQGAEITLHEVPALSALGLTMTGPRPGGFGALDNRTNQICGSGDLICSAP
EQAFSVFNLPKTLETLSGSAAGPVHALYNTPQFWVENGQTATQWTLEWARNLVENAPHPKHG
;
_entity_poly.pdbx_strand_id   A,B
#
# COMPACT_ATOMS: atom_id res chain seq x y z
N ALA A 36 -22.89 -30.56 4.70
CA ALA A 36 -23.38 -31.91 4.42
C ALA A 36 -24.28 -31.91 3.17
N ASP A 37 -23.67 -31.66 2.02
CA ASP A 37 -24.40 -31.64 0.76
C ASP A 37 -23.77 -30.68 -0.23
N CYS A 38 -23.79 -29.39 0.09
CA CYS A 38 -23.20 -28.36 -0.79
C CYS A 38 -22.33 -27.36 -0.04
N PRO A 39 -21.79 -26.39 -0.78
CA PRO A 39 -20.78 -25.46 -0.28
C PRO A 39 -21.11 -24.85 1.06
N ASP A 40 -20.17 -24.89 1.97
CA ASP A 40 -20.40 -24.38 3.30
C ASP A 40 -20.91 -22.96 3.25
N VAL A 41 -19.99 -22.06 2.93
CA VAL A 41 -20.16 -20.60 3.02
C VAL A 41 -20.18 -19.92 1.64
N MET A 42 -21.16 -19.04 1.43
CA MET A 42 -21.25 -18.23 0.20
C MET A 42 -20.76 -16.83 0.49
N MET A 43 -19.82 -16.34 -0.31
CA MET A 43 -19.35 -14.97 -0.18
C MET A 43 -19.92 -14.10 -1.28
N VAL A 44 -20.74 -13.14 -0.88
CA VAL A 44 -21.34 -12.17 -1.81
C VAL A 44 -20.48 -10.93 -1.92
N SER A 45 -20.06 -10.63 -3.14
CA SER A 45 -19.32 -9.43 -3.46
C SER A 45 -20.14 -8.60 -4.42
N ILE A 46 -20.40 -7.35 -4.04
CA ILE A 46 -21.16 -6.44 -4.90
C ILE A 46 -20.27 -5.30 -5.36
N PRO A 47 -19.99 -5.23 -6.68
CA PRO A 47 -19.15 -4.18 -7.25
C PRO A 47 -19.83 -2.82 -7.22
N GLY A 48 -19.03 -1.77 -7.33
CA GLY A 48 -19.54 -0.42 -7.38
C GLY A 48 -20.04 -0.03 -8.76
N THR A 49 -20.24 1.26 -8.94
CA THR A 49 -20.78 1.80 -10.18
C THR A 49 -19.74 1.62 -11.25
N TRP A 50 -20.18 1.27 -12.46
CA TRP A 50 -19.31 1.02 -13.62
C TRP A 50 -18.25 -0.06 -13.41
N GLU A 51 -18.60 -1.05 -12.60
CA GLU A 51 -17.70 -2.15 -12.29
C GLU A 51 -18.42 -3.50 -12.37
N SER A 52 -19.60 -3.50 -12.97
CA SER A 52 -20.33 -4.73 -13.29
C SER A 52 -21.32 -4.53 -14.43
N SER A 53 -21.76 -5.63 -15.03
CA SER A 53 -22.81 -5.60 -16.05
C SER A 53 -23.66 -6.85 -15.83
N PRO A 54 -24.91 -6.86 -16.32
CA PRO A 54 -25.77 -8.00 -15.99
C PRO A 54 -25.31 -9.27 -16.68
N THR A 55 -24.27 -9.14 -17.49
CA THR A 55 -23.86 -10.13 -18.47
C THR A 55 -22.58 -10.84 -18.01
N ASP A 56 -21.99 -10.33 -16.93
CA ASP A 56 -20.75 -10.83 -16.36
C ASP A 56 -20.95 -12.16 -15.64
N ASP A 57 -19.88 -12.96 -15.60
CA ASP A 57 -19.82 -14.22 -14.87
C ASP A 57 -19.90 -13.95 -13.37
N PRO A 58 -20.90 -14.55 -12.70
CA PRO A 58 -21.05 -14.39 -11.25
C PRO A 58 -19.88 -14.99 -10.50
N PHE A 59 -19.16 -15.90 -11.14
CA PHE A 59 -18.11 -16.67 -10.49
C PHE A 59 -16.74 -16.37 -11.08
N ASN A 60 -16.72 -15.61 -12.17
CA ASN A 60 -15.49 -15.09 -12.71
C ASN A 60 -15.67 -13.69 -13.33
N PRO A 61 -15.82 -12.66 -12.48
CA PRO A 61 -15.95 -11.28 -12.93
C PRO A 61 -14.76 -10.93 -13.81
N THR A 62 -15.03 -10.46 -15.02
CA THR A 62 -13.97 -10.37 -16.04
C THR A 62 -14.05 -9.11 -16.89
N GLN A 63 -15.24 -8.57 -17.03
CA GLN A 63 -15.48 -7.40 -17.88
C GLN A 63 -14.84 -6.13 -17.34
N PHE A 64 -14.82 -6.00 -16.01
CA PHE A 64 -14.25 -4.84 -15.38
C PHE A 64 -13.08 -5.21 -14.49
N PRO A 65 -11.93 -5.51 -15.10
CA PRO A 65 -10.79 -6.06 -14.36
C PRO A 65 -10.34 -5.12 -13.25
N LEU A 66 -10.55 -3.83 -13.46
CA LEU A 66 -10.15 -2.87 -12.46
C LEU A 66 -11.10 -2.79 -11.26
N SER A 67 -12.25 -3.45 -11.36
CA SER A 67 -13.25 -3.37 -10.30
C SER A 67 -12.63 -3.57 -8.93
N LEU A 68 -12.94 -2.67 -8.00
CA LEU A 68 -12.33 -2.75 -6.68
C LEU A 68 -12.59 -4.08 -5.93
N MET A 69 -13.84 -4.53 -5.91
CA MET A 69 -14.22 -5.78 -5.24
C MET A 69 -13.55 -7.04 -5.82
N SER A 70 -12.94 -6.92 -7.00
CA SER A 70 -12.22 -8.04 -7.57
C SER A 70 -10.98 -8.32 -6.75
N ASN A 71 -10.40 -7.28 -6.15
CA ASN A 71 -9.19 -7.40 -5.34
C ASN A 71 -9.42 -8.21 -4.07
N ILE A 72 -10.68 -8.40 -3.71
CA ILE A 72 -11.06 -9.20 -2.54
C ILE A 72 -11.60 -10.57 -2.98
N SER A 73 -12.53 -10.57 -3.93
CA SER A 73 -13.24 -11.78 -4.33
C SER A 73 -12.35 -12.77 -5.09
N LYS A 74 -11.56 -12.27 -6.04
CA LYS A 74 -10.65 -13.15 -6.79
C LYS A 74 -9.69 -13.96 -5.90
N PRO A 75 -8.94 -13.29 -4.99
CA PRO A 75 -8.02 -14.02 -4.11
C PRO A 75 -8.72 -15.09 -3.28
N LEU A 76 -9.93 -14.81 -2.83
CA LEU A 76 -10.72 -15.77 -2.08
C LEU A 76 -11.02 -17.03 -2.86
N ALA A 77 -11.49 -16.84 -4.09
CA ALA A 77 -11.89 -17.95 -4.95
C ALA A 77 -10.79 -18.99 -5.14
N GLU A 78 -9.59 -18.53 -5.49
CA GLU A 78 -8.46 -19.43 -5.75
C GLU A 78 -7.82 -19.97 -4.47
N GLN A 79 -7.94 -19.21 -3.38
CA GLN A 79 -7.41 -19.63 -2.08
C GLN A 79 -8.28 -20.69 -1.38
N PHE A 80 -9.54 -20.86 -1.83
CA PHE A 80 -10.45 -21.80 -1.18
C PHE A 80 -11.14 -22.76 -2.12
N GLY A 81 -11.34 -23.98 -1.63
CA GLY A 81 -12.02 -25.02 -2.37
C GLY A 81 -13.50 -24.73 -2.58
N PRO A 82 -14.10 -25.38 -3.59
CA PRO A 82 -15.52 -25.27 -3.90
C PRO A 82 -16.43 -25.84 -2.81
N ASP A 83 -15.95 -26.86 -2.09
CA ASP A 83 -16.71 -27.50 -1.01
C ASP A 83 -16.90 -26.51 0.14
N ARG A 84 -15.83 -25.80 0.47
CA ARG A 84 -15.82 -24.84 1.56
C ARG A 84 -16.51 -23.52 1.19
N LEU A 85 -16.04 -22.91 0.10
CA LEU A 85 -16.44 -21.54 -0.23
C LEU A 85 -16.87 -21.35 -1.69
N GLN A 86 -18.03 -20.71 -1.86
CA GLN A 86 -18.43 -20.18 -3.15
C GLN A 86 -18.40 -18.66 -3.10
N VAL A 87 -17.64 -18.03 -3.98
CA VAL A 87 -17.67 -16.57 -4.12
C VAL A 87 -18.48 -16.14 -5.35
N TYR A 88 -19.44 -15.27 -5.09
CA TYR A 88 -20.38 -14.83 -6.09
C TYR A 88 -20.27 -13.31 -6.18
N THR A 89 -19.92 -12.77 -7.35
CA THR A 89 -20.13 -11.33 -7.53
C THR A 89 -21.33 -11.02 -8.42
N THR A 90 -22.14 -10.08 -7.95
CA THR A 90 -23.41 -9.72 -8.57
C THR A 90 -23.21 -9.18 -9.98
N PRO A 91 -23.81 -9.87 -10.97
CA PRO A 91 -23.85 -9.27 -12.29
C PRO A 91 -25.04 -8.33 -12.37
N TYR A 92 -24.79 -7.02 -12.28
CA TYR A 92 -25.83 -6.04 -12.43
C TYR A 92 -25.38 -4.85 -13.24
N THR A 93 -26.34 -4.00 -13.63
CA THR A 93 -26.12 -2.89 -14.56
C THR A 93 -25.11 -1.89 -14.02
N ALA A 94 -25.16 -1.65 -12.72
CA ALA A 94 -24.18 -0.80 -12.04
C ALA A 94 -23.90 0.46 -12.83
N GLN A 95 -24.95 1.25 -13.02
CA GLN A 95 -24.86 2.53 -13.71
C GLN A 95 -25.43 3.63 -12.83
N PHE A 96 -25.26 4.88 -13.27
CA PHE A 96 -25.70 6.04 -12.53
C PHE A 96 -25.89 7.14 -13.56
N HIS A 97 -27.08 7.19 -14.13
CA HIS A 97 -27.39 8.14 -15.17
C HIS A 97 -27.30 9.57 -14.66
N ASN A 98 -26.73 10.43 -15.48
CA ASN A 98 -26.61 11.86 -15.19
C ASN A 98 -27.27 12.59 -16.35
N PRO A 99 -28.40 13.28 -16.07
CA PRO A 99 -29.18 13.96 -17.11
C PRO A 99 -28.45 15.08 -17.82
N PHE A 100 -27.39 15.62 -17.22
CA PHE A 100 -26.65 16.73 -17.82
C PHE A 100 -25.73 16.33 -18.99
N ALA A 101 -25.19 15.11 -18.96
CA ALA A 101 -24.69 14.47 -20.18
C ALA A 101 -25.86 13.72 -20.83
N ALA A 102 -25.76 13.39 -22.11
CA ALA A 102 -26.79 12.54 -22.71
C ALA A 102 -26.52 11.03 -22.44
N ASP A 103 -26.34 10.67 -21.16
CA ASP A 103 -26.11 9.28 -20.75
C ASP A 103 -27.22 8.42 -21.29
N LYS A 104 -26.88 7.35 -22.01
CA LYS A 104 -27.88 6.35 -22.27
C LYS A 104 -27.90 5.35 -21.11
N GLN A 105 -27.54 5.83 -19.92
CA GLN A 105 -27.38 4.95 -18.77
C GLN A 105 -28.70 4.72 -18.07
N MET A 106 -28.74 3.67 -17.26
CA MET A 106 -29.86 3.40 -16.38
C MET A 106 -29.74 4.36 -15.19
N SER A 107 -30.87 4.86 -14.71
CA SER A 107 -30.88 5.73 -13.53
C SER A 107 -30.27 5.04 -12.31
N TYR A 108 -29.77 5.84 -11.37
CA TYR A 108 -29.17 5.29 -10.17
C TYR A 108 -30.19 4.49 -9.40
N ASN A 109 -31.41 5.00 -9.38
CA ASN A 109 -32.49 4.37 -8.63
C ASN A 109 -32.75 2.94 -9.06
N ASP A 110 -33.07 2.72 -10.33
CA ASP A 110 -33.31 1.37 -10.76
C ASP A 110 -32.05 0.56 -10.65
N SER A 111 -30.97 1.12 -11.10
CA SER A 111 -29.73 0.33 -11.11
C SER A 111 -29.56 -0.29 -9.74
N ARG A 112 -29.53 0.55 -8.71
CA ARG A 112 -29.49 0.12 -7.31
C ARG A 112 -30.56 -0.95 -7.07
N ALA A 113 -31.76 -0.73 -7.61
CA ALA A 113 -32.89 -1.63 -7.43
C ALA A 113 -32.66 -2.99 -8.04
N GLU A 114 -32.24 -3.00 -9.31
CA GLU A 114 -31.85 -4.24 -9.98
C GLU A 114 -30.80 -4.99 -9.16
N GLY A 115 -29.67 -4.34 -8.90
CA GLY A 115 -28.59 -4.94 -8.12
C GLY A 115 -29.04 -5.63 -6.85
N MET A 116 -30.03 -5.05 -6.18
CA MET A 116 -30.60 -5.69 -5.01
C MET A 116 -31.42 -6.93 -5.37
N ARG A 117 -32.38 -6.79 -6.29
CA ARG A 117 -33.15 -7.97 -6.76
C ARG A 117 -32.22 -9.12 -7.08
N THR A 118 -31.25 -8.87 -7.95
CA THR A 118 -30.29 -9.87 -8.39
C THR A 118 -29.57 -10.56 -7.22
N THR A 119 -29.15 -9.77 -6.24
CA THR A 119 -28.39 -10.29 -5.11
C THR A 119 -29.24 -11.10 -4.14
N VAL A 120 -30.43 -10.62 -3.79
CA VAL A 120 -31.27 -11.35 -2.84
C VAL A 120 -31.80 -12.66 -3.43
N LYS A 121 -32.00 -12.67 -4.75
CA LYS A 121 -32.42 -13.88 -5.46
C LYS A 121 -31.28 -14.89 -5.46
N ALA A 122 -30.05 -14.42 -5.66
CA ALA A 122 -28.86 -15.26 -5.54
C ALA A 122 -28.76 -15.85 -4.12
N MET A 123 -29.00 -14.99 -3.13
CA MET A 123 -29.00 -15.40 -1.73
C MET A 123 -30.17 -16.36 -1.41
N THR A 124 -31.36 -16.06 -1.94
CA THR A 124 -32.54 -16.90 -1.75
C THR A 124 -32.34 -18.33 -2.25
N ASP A 125 -31.85 -18.45 -3.48
CA ASP A 125 -31.67 -19.73 -4.14
C ASP A 125 -30.66 -20.60 -3.42
N MET A 126 -29.49 -20.04 -3.13
CA MET A 126 -28.43 -20.75 -2.41
C MET A 126 -28.92 -21.22 -1.03
N ASN A 127 -29.86 -20.48 -0.46
CA ASN A 127 -30.48 -20.87 0.80
C ASN A 127 -31.45 -22.05 0.68
N ASP A 128 -32.19 -22.11 -0.43
CA ASP A 128 -33.16 -23.19 -0.63
C ASP A 128 -32.44 -24.48 -1.00
N ARG A 129 -31.42 -24.37 -1.85
CA ARG A 129 -30.54 -25.49 -2.18
C ARG A 129 -29.74 -25.89 -0.94
N CYS A 130 -29.22 -24.92 -0.21
CA CYS A 130 -28.39 -25.20 0.97
C CYS A 130 -28.84 -24.38 2.19
N PRO A 131 -29.88 -24.85 2.91
CA PRO A 131 -30.33 -24.13 4.10
C PRO A 131 -29.24 -24.09 5.15
N LEU A 132 -28.24 -24.94 4.98
CA LEU A 132 -27.09 -25.06 5.89
C LEU A 132 -26.10 -23.87 5.80
N THR A 133 -25.96 -23.32 4.60
CA THR A 133 -24.85 -22.43 4.25
C THR A 133 -24.86 -21.07 4.93
N SER A 134 -23.69 -20.66 5.41
CA SER A 134 -23.45 -19.31 5.95
C SER A 134 -22.98 -18.34 4.88
N TYR A 135 -23.05 -17.04 5.18
CA TYR A 135 -22.82 -15.98 4.19
C TYR A 135 -21.82 -14.95 4.68
N VAL A 136 -21.08 -14.38 3.72
CA VAL A 136 -20.20 -13.24 3.98
C VAL A 136 -20.45 -12.20 2.90
N ILE A 137 -20.73 -10.96 3.30
CA ILE A 137 -21.13 -9.94 2.34
C ILE A 137 -20.23 -8.72 2.36
N ALA A 138 -19.84 -8.27 1.17
CA ALA A 138 -18.99 -7.09 1.02
C ALA A 138 -19.34 -6.30 -0.26
N GLY A 139 -19.27 -4.98 -0.19
CA GLY A 139 -19.67 -4.11 -1.30
C GLY A 139 -18.92 -2.78 -1.38
N PHE A 140 -18.85 -2.22 -2.58
CA PHE A 140 -18.17 -0.97 -2.79
C PHE A 140 -19.09 0.00 -3.48
N SER A 141 -18.97 1.28 -3.11
CA SER A 141 -19.88 2.35 -3.49
C SER A 141 -21.30 1.85 -3.72
N GLN A 142 -21.78 1.87 -4.95
CA GLN A 142 -23.18 1.53 -5.19
C GLN A 142 -23.47 0.17 -4.59
N GLY A 143 -22.55 -0.76 -4.80
CA GLY A 143 -22.63 -2.08 -4.23
C GLY A 143 -22.66 -2.06 -2.71
N ALA A 144 -21.94 -1.11 -2.12
CA ALA A 144 -21.95 -0.96 -0.66
C ALA A 144 -23.29 -0.50 -0.12
N VAL A 145 -24.01 0.35 -0.84
CA VAL A 145 -25.32 0.76 -0.34
C VAL A 145 -26.30 -0.39 -0.52
N ILE A 146 -26.17 -1.14 -1.62
CA ILE A 146 -26.98 -2.35 -1.81
C ILE A 146 -26.70 -3.37 -0.71
N ALA A 147 -25.42 -3.65 -0.49
CA ALA A 147 -25.01 -4.62 0.53
C ALA A 147 -25.50 -4.20 1.90
N GLY A 148 -25.42 -2.91 2.18
CA GLY A 148 -25.87 -2.36 3.46
C GLY A 148 -27.36 -2.51 3.67
N ASP A 149 -28.13 -2.21 2.63
CA ASP A 149 -29.59 -2.29 2.69
C ASP A 149 -30.00 -3.71 3.01
N ILE A 150 -29.25 -4.66 2.44
CA ILE A 150 -29.48 -6.08 2.67
C ILE A 150 -29.20 -6.41 4.13
N ALA A 151 -28.04 -5.98 4.64
CA ALA A 151 -27.67 -6.20 6.03
C ALA A 151 -28.75 -5.66 6.94
N SER A 152 -29.24 -4.46 6.63
CA SER A 152 -30.32 -3.85 7.38
C SER A 152 -31.50 -4.82 7.54
N ASP A 153 -31.90 -5.44 6.43
CA ASP A 153 -33.05 -6.33 6.40
C ASP A 153 -32.83 -7.61 7.19
N ILE A 154 -31.74 -8.32 6.85
CA ILE A 154 -31.36 -9.53 7.57
C ILE A 154 -31.29 -9.23 9.08
N GLY A 155 -30.65 -8.12 9.41
CA GLY A 155 -30.49 -7.70 10.81
C GLY A 155 -31.80 -7.47 11.55
N ASN A 156 -32.85 -7.17 10.80
CA ASN A 156 -34.14 -6.87 11.40
C ASN A 156 -35.20 -7.94 11.12
N GLY A 157 -34.73 -9.14 10.78
CA GLY A 157 -35.60 -10.28 10.50
C GLY A 157 -36.49 -10.08 9.29
N ARG A 158 -36.03 -9.28 8.34
CA ARG A 158 -36.79 -8.99 7.13
C ARG A 158 -36.35 -9.87 5.97
N GLY A 159 -35.43 -10.80 6.24
CA GLY A 159 -34.93 -11.71 5.21
C GLY A 159 -33.83 -11.11 4.34
N PRO A 160 -33.42 -11.82 3.27
CA PRO A 160 -33.90 -13.11 2.79
C PRO A 160 -33.39 -14.32 3.58
N VAL A 161 -32.53 -14.05 4.56
CA VAL A 161 -31.83 -15.06 5.34
C VAL A 161 -31.96 -14.73 6.84
N ASP A 162 -31.76 -15.74 7.71
CA ASP A 162 -31.74 -15.51 9.15
C ASP A 162 -30.41 -14.90 9.62
N GLU A 163 -30.52 -14.00 10.60
CA GLU A 163 -29.39 -13.27 11.16
C GLU A 163 -28.13 -14.11 11.41
N ASP A 164 -28.29 -15.22 12.12
CA ASP A 164 -27.17 -16.05 12.61
C ASP A 164 -26.36 -16.72 11.51
N LEU A 165 -26.93 -16.76 10.30
CA LEU A 165 -26.26 -17.33 9.13
C LEU A 165 -25.29 -16.35 8.43
N VAL A 166 -25.27 -15.10 8.88
CA VAL A 166 -24.36 -14.13 8.30
C VAL A 166 -23.15 -13.95 9.22
N LEU A 167 -21.98 -14.26 8.68
CA LEU A 167 -20.71 -14.18 9.41
C LEU A 167 -20.26 -12.76 9.74
N GLY A 168 -20.39 -11.86 8.78
CA GLY A 168 -19.98 -10.46 8.94
C GLY A 168 -20.15 -9.73 7.64
N VAL A 169 -20.31 -8.42 7.70
CA VAL A 169 -20.47 -7.61 6.50
C VAL A 169 -19.46 -6.46 6.49
N THR A 170 -18.94 -6.12 5.32
CA THR A 170 -18.04 -4.98 5.21
C THR A 170 -18.45 -4.13 4.02
N LEU A 171 -18.68 -2.84 4.29
CA LEU A 171 -19.14 -1.87 3.30
C LEU A 171 -18.06 -0.84 3.07
N ILE A 172 -17.67 -0.65 1.81
CA ILE A 172 -16.67 0.35 1.45
C ILE A 172 -17.31 1.52 0.70
N ALA A 173 -17.08 2.75 1.18
CA ALA A 173 -17.64 3.96 0.57
C ALA A 173 -19.16 3.88 0.44
N ASP A 174 -19.80 3.65 1.58
CA ASP A 174 -21.25 3.53 1.63
C ASP A 174 -21.96 4.89 1.75
N GLY A 175 -22.64 5.27 0.68
CA GLY A 175 -23.35 6.56 0.61
C GLY A 175 -24.46 6.71 1.64
N ARG A 176 -24.63 5.69 2.48
CA ARG A 176 -25.65 5.71 3.52
C ARG A 176 -25.04 5.66 4.93
N ARG A 177 -23.71 5.73 5.01
CA ARG A 177 -23.01 5.57 6.29
C ARG A 177 -23.53 6.55 7.33
N GLN A 178 -23.82 6.06 8.53
CA GLN A 178 -24.05 6.95 9.67
C GLN A 178 -23.11 6.58 10.79
N MET A 179 -22.58 7.60 11.46
CA MET A 179 -21.74 7.34 12.61
C MET A 179 -22.62 6.70 13.68
N GLY A 180 -22.07 5.70 14.37
CA GLY A 180 -22.78 5.02 15.45
C GLY A 180 -23.40 3.70 15.04
N VAL A 181 -23.97 3.66 13.83
CA VAL A 181 -24.55 2.43 13.30
C VAL A 181 -23.56 1.61 12.44
N GLY A 182 -23.28 0.39 12.87
CA GLY A 182 -22.26 -0.46 12.27
C GLY A 182 -20.92 -0.15 12.92
N GLN A 183 -19.94 -1.05 12.73
CA GLN A 183 -18.59 -0.87 13.26
C GLN A 183 -17.75 0.11 12.46
N ASP A 184 -17.06 0.99 13.17
CA ASP A 184 -16.26 2.02 12.54
C ASP A 184 -14.82 1.57 12.41
N VAL A 185 -14.48 0.95 11.28
CA VAL A 185 -13.15 0.38 11.10
C VAL A 185 -12.13 1.33 10.50
N GLY A 186 -11.03 1.54 11.21
CA GLY A 186 -9.88 2.22 10.64
C GLY A 186 -9.86 3.70 10.92
N PRO A 187 -9.05 4.45 10.15
CA PRO A 187 -8.94 5.90 10.27
C PRO A 187 -10.07 6.63 9.52
N ASN A 188 -11.30 6.17 9.74
CA ASN A 188 -12.48 6.75 9.13
C ASN A 188 -12.70 8.20 9.55
N PRO A 189 -13.19 9.05 8.64
CA PRO A 189 -13.60 10.36 9.10
C PRO A 189 -14.95 10.23 9.82
N ALA A 190 -15.19 11.08 10.80
CA ALA A 190 -16.52 11.17 11.37
C ALA A 190 -17.37 11.88 10.31
N GLY A 191 -18.60 11.46 10.13
CA GLY A 191 -19.46 12.13 9.15
C GLY A 191 -20.56 11.19 8.76
N GLN A 192 -21.11 11.39 7.57
CA GLN A 192 -22.15 10.51 7.07
C GLN A 192 -22.21 10.52 5.57
N GLY A 193 -22.89 9.54 5.00
CA GLY A 193 -22.99 9.43 3.56
C GLY A 193 -23.79 10.56 2.93
N ALA A 194 -23.50 10.82 1.66
CA ALA A 194 -24.23 11.79 0.87
C ALA A 194 -25.74 11.52 0.84
N GLU A 195 -26.13 10.26 0.97
CA GLU A 195 -27.54 9.90 1.02
C GLU A 195 -28.17 10.20 2.39
N ILE A 196 -27.35 10.53 3.37
CA ILE A 196 -27.85 10.98 4.65
C ILE A 196 -27.98 12.51 4.61
N THR A 197 -26.88 13.19 4.28
CA THR A 197 -26.90 14.65 4.32
C THR A 197 -27.75 15.27 3.22
N LEU A 198 -28.02 14.54 2.15
CA LEU A 198 -28.85 15.06 1.06
C LEU A 198 -30.25 14.45 1.00
N HIS A 199 -30.64 13.82 2.10
CA HIS A 199 -31.96 13.20 2.22
C HIS A 199 -33.12 14.16 1.91
N GLU A 200 -33.08 15.40 2.41
CA GLU A 200 -34.15 16.39 2.14
C GLU A 200 -34.26 16.74 0.63
N VAL A 201 -33.11 16.94 -0.01
CA VAL A 201 -33.02 17.51 -1.37
C VAL A 201 -33.86 16.75 -2.43
N PRO A 202 -34.88 17.43 -2.99
CA PRO A 202 -35.99 16.77 -3.72
C PRO A 202 -35.70 16.52 -5.20
N ALA A 203 -35.14 17.55 -5.87
CA ALA A 203 -34.73 17.47 -7.27
C ALA A 203 -34.01 16.16 -7.59
N LEU A 204 -33.05 15.78 -6.74
CA LEU A 204 -32.24 14.58 -6.93
C LEU A 204 -33.10 13.37 -7.16
N SER A 205 -34.09 13.19 -6.31
CA SER A 205 -35.03 12.10 -6.47
C SER A 205 -35.71 12.17 -7.84
N ALA A 206 -36.38 13.28 -8.14
CA ALA A 206 -37.07 13.49 -9.41
C ALA A 206 -36.16 13.21 -10.59
N LEU A 207 -34.88 13.47 -10.39
CA LEU A 207 -33.88 13.39 -11.43
C LEU A 207 -33.34 11.96 -11.59
N GLY A 208 -33.83 11.03 -10.77
CA GLY A 208 -33.52 9.62 -10.93
C GLY A 208 -32.58 9.03 -9.91
N LEU A 209 -32.20 9.82 -8.90
CA LEU A 209 -31.27 9.33 -7.90
C LEU A 209 -31.64 9.77 -6.50
N THR A 210 -32.60 9.09 -5.88
CA THR A 210 -33.07 9.53 -4.57
C THR A 210 -32.07 9.21 -3.46
N MET A 211 -31.76 10.24 -2.67
CA MET A 211 -30.96 10.10 -1.48
C MET A 211 -31.86 9.56 -0.40
N THR A 212 -31.65 8.28 -0.06
CA THR A 212 -32.63 7.47 0.69
C THR A 212 -32.58 7.63 2.21
N GLY A 213 -31.63 8.41 2.73
CA GLY A 213 -31.59 8.70 4.16
C GLY A 213 -31.21 7.51 5.01
N PRO A 214 -31.44 7.59 6.33
CA PRO A 214 -30.96 6.57 7.27
C PRO A 214 -31.64 5.21 7.08
N ARG A 215 -30.90 4.13 7.34
CA ARG A 215 -31.46 2.79 7.21
C ARG A 215 -32.36 2.47 8.41
N PRO A 216 -33.62 2.05 8.13
CA PRO A 216 -34.62 1.81 9.17
C PRO A 216 -34.22 0.63 10.06
N GLY A 217 -34.11 0.87 11.36
CA GLY A 217 -33.70 -0.15 12.31
C GLY A 217 -32.22 -0.48 12.27
N GLY A 218 -31.46 0.32 11.51
CA GLY A 218 -30.01 0.17 11.39
C GLY A 218 -29.66 -1.19 10.82
N PHE A 219 -28.52 -1.74 11.25
CA PHE A 219 -28.10 -3.06 10.82
C PHE A 219 -28.63 -4.14 11.77
N GLY A 220 -29.52 -3.74 12.68
CA GLY A 220 -30.18 -4.68 13.59
C GLY A 220 -29.24 -5.55 14.40
N ALA A 221 -29.51 -6.85 14.39
CA ALA A 221 -28.70 -7.82 15.11
C ALA A 221 -27.31 -8.02 14.47
N LEU A 222 -27.14 -7.51 13.25
CA LEU A 222 -25.88 -7.55 12.52
C LEU A 222 -24.95 -6.37 12.83
N ASP A 223 -25.39 -5.48 13.72
CA ASP A 223 -24.68 -4.24 14.00
C ASP A 223 -23.25 -4.44 14.50
N ASN A 224 -23.03 -5.56 15.21
CA ASN A 224 -21.71 -5.86 15.75
C ASN A 224 -20.75 -6.49 14.72
N ARG A 225 -21.31 -6.97 13.60
CA ARG A 225 -20.55 -7.69 12.59
C ARG A 225 -20.43 -6.93 11.28
N THR A 226 -21.14 -5.80 11.18
CA THR A 226 -21.17 -4.97 9.97
C THR A 226 -20.14 -3.84 10.05
N ASN A 227 -19.12 -3.90 9.19
CA ASN A 227 -18.01 -2.96 9.22
C ASN A 227 -18.10 -1.87 8.20
N GLN A 228 -17.63 -0.69 8.58
CA GLN A 228 -17.69 0.46 7.70
C GLN A 228 -16.30 0.98 7.45
N ILE A 229 -15.96 1.16 6.18
CA ILE A 229 -14.68 1.74 5.76
C ILE A 229 -14.97 2.95 4.88
N CYS A 230 -14.31 4.06 5.18
CA CYS A 230 -14.51 5.27 4.41
C CYS A 230 -13.25 6.11 4.40
N GLY A 231 -12.86 6.57 3.21
CA GLY A 231 -11.64 7.34 3.04
C GLY A 231 -11.75 8.82 3.38
N SER A 232 -10.80 9.31 4.16
CA SER A 232 -10.68 10.72 4.45
C SER A 232 -10.68 11.52 3.13
N GLY A 233 -11.79 12.18 2.84
CA GLY A 233 -11.91 13.01 1.67
C GLY A 233 -12.88 12.48 0.63
N ASP A 234 -13.49 11.33 0.91
CA ASP A 234 -14.45 10.74 0.00
C ASP A 234 -15.83 11.33 0.27
N LEU A 235 -16.32 12.14 -0.67
CA LEU A 235 -17.58 12.84 -0.47
C LEU A 235 -18.81 11.96 -0.49
N ILE A 236 -18.67 10.71 -0.92
CA ILE A 236 -19.81 9.79 -0.93
C ILE A 236 -20.16 9.31 0.47
N CYS A 237 -19.16 9.01 1.29
CA CYS A 237 -19.43 8.44 2.62
C CYS A 237 -18.98 9.37 3.75
N SER A 238 -18.36 10.48 3.38
CA SER A 238 -18.09 11.53 4.34
C SER A 238 -18.52 12.83 3.68
N ALA A 239 -19.79 13.17 3.84
CA ALA A 239 -20.40 14.33 3.19
C ALA A 239 -20.70 15.45 4.17
N PRO A 240 -19.98 16.58 4.04
CA PRO A 240 -20.32 17.78 4.82
C PRO A 240 -21.37 18.62 4.11
N GLU A 241 -22.22 19.32 4.86
CA GLU A 241 -23.24 20.19 4.26
C GLU A 241 -22.63 21.13 3.20
N GLN A 242 -21.50 21.72 3.56
CA GLN A 242 -20.78 22.72 2.73
C GLN A 242 -20.33 22.17 1.39
N ALA A 243 -20.25 20.86 1.26
CA ALA A 243 -19.68 20.29 0.04
C ALA A 243 -20.60 20.44 -1.16
N PHE A 244 -21.91 20.37 -0.92
CA PHE A 244 -22.88 20.36 -2.02
C PHE A 244 -23.75 21.63 -2.12
N SER A 245 -24.14 21.94 -3.35
CA SER A 245 -25.10 22.99 -3.61
C SER A 245 -26.14 22.62 -4.67
N VAL A 246 -27.32 23.22 -4.54
CA VAL A 246 -28.39 23.09 -5.53
C VAL A 246 -28.12 24.01 -6.71
N PHE A 247 -27.46 25.12 -6.41
CA PHE A 247 -27.01 26.05 -7.44
C PHE A 247 -25.95 25.41 -8.32
N ASN A 248 -25.56 24.18 -7.98
CA ASN A 248 -24.40 23.58 -8.58
C ASN A 248 -24.61 22.09 -8.80
N LEU A 249 -25.66 21.79 -9.55
CA LEU A 249 -26.16 20.45 -9.66
C LEU A 249 -25.37 19.53 -10.59
N PRO A 250 -24.88 20.05 -11.75
CA PRO A 250 -24.01 19.17 -12.50
C PRO A 250 -22.87 18.61 -11.64
N LYS A 251 -22.09 19.50 -11.02
CA LYS A 251 -20.95 19.12 -10.18
C LYS A 251 -21.38 18.25 -9.01
N THR A 252 -22.64 18.33 -8.64
CA THR A 252 -23.16 17.51 -7.56
C THR A 252 -23.35 16.09 -8.03
N LEU A 253 -23.91 15.92 -9.22
CA LEU A 253 -24.13 14.60 -9.79
C LEU A 253 -22.84 13.92 -10.15
N GLU A 254 -21.90 14.66 -10.74
CA GLU A 254 -20.57 14.12 -11.02
C GLU A 254 -20.00 13.54 -9.73
N THR A 255 -19.90 14.38 -8.71
CA THR A 255 -19.40 13.94 -7.42
C THR A 255 -20.16 12.75 -6.89
N LEU A 256 -21.48 12.75 -7.01
CA LEU A 256 -22.27 11.63 -6.50
C LEU A 256 -22.07 10.33 -7.26
N SER A 257 -21.97 10.42 -8.58
CA SER A 257 -21.80 9.24 -9.43
C SER A 257 -20.41 8.59 -9.29
N GLY A 258 -19.37 9.36 -9.01
CA GLY A 258 -18.06 8.77 -8.78
C GLY A 258 -16.99 9.51 -9.54
N PRO A 263 -9.80 11.40 -6.79
CA PRO A 263 -8.85 10.30 -6.60
C PRO A 263 -9.34 9.33 -5.53
N VAL A 264 -9.44 9.80 -4.29
CA VAL A 264 -9.81 8.95 -3.13
C VAL A 264 -10.77 7.80 -3.49
N HIS A 265 -11.89 8.14 -4.14
CA HIS A 265 -12.84 7.15 -4.62
C HIS A 265 -12.11 6.12 -5.48
N ALA A 266 -11.34 6.60 -6.44
CA ALA A 266 -10.53 5.71 -7.28
C ALA A 266 -9.61 4.76 -6.44
N LEU A 267 -8.89 5.32 -5.46
CA LEU A 267 -7.80 4.63 -4.77
C LEU A 267 -8.11 4.15 -3.35
N TYR A 268 -8.93 3.10 -3.22
CA TYR A 268 -8.98 2.37 -1.94
C TYR A 268 -7.95 1.23 -1.86
N ASN A 269 -7.25 0.97 -2.97
CA ASN A 269 -6.22 -0.05 -3.01
C ASN A 269 -4.85 0.57 -2.88
N THR A 270 -4.75 1.70 -2.20
CA THR A 270 -3.45 2.22 -1.79
C THR A 270 -3.59 2.66 -0.35
N PRO A 271 -2.47 2.76 0.38
CA PRO A 271 -2.51 3.10 1.80
C PRO A 271 -2.36 4.59 2.03
N GLN A 272 -2.81 5.36 1.04
CA GLN A 272 -2.56 6.79 1.01
C GLN A 272 -3.51 7.56 1.93
N PHE A 273 -4.77 7.11 2.01
CA PHE A 273 -5.79 7.83 2.76
C PHE A 273 -6.44 7.01 3.86
N TRP A 274 -6.57 5.71 3.64
CA TRP A 274 -7.07 4.81 4.68
C TRP A 274 -6.13 3.62 4.76
N VAL A 275 -5.61 3.37 5.96
CA VAL A 275 -4.83 2.17 6.23
C VAL A 275 -4.98 1.76 7.70
N GLU A 276 -5.33 0.50 7.91
CA GLU A 276 -5.48 -0.05 9.26
C GLU A 276 -4.37 -1.04 9.57
N ASN A 277 -3.45 -0.67 10.46
CA ASN A 277 -2.41 -1.59 10.92
C ASN A 277 -1.47 -2.26 9.90
N GLY A 278 -1.22 -1.64 8.75
CA GLY A 278 -0.20 -2.07 7.82
C GLY A 278 -0.71 -2.51 6.46
N GLN A 279 -2.02 -2.54 6.31
CA GLN A 279 -2.64 -2.95 5.06
C GLN A 279 -3.64 -1.90 4.57
N THR A 280 -4.06 -2.03 3.32
CA THR A 280 -5.02 -1.10 2.73
C THR A 280 -6.45 -1.58 2.95
N ALA A 281 -7.41 -0.77 2.50
CA ALA A 281 -8.83 -1.11 2.64
C ALA A 281 -9.16 -2.43 1.99
N THR A 282 -8.44 -2.75 0.93
CA THR A 282 -8.61 -3.97 0.16
C THR A 282 -7.93 -5.15 0.88
N GLN A 283 -6.71 -4.92 1.33
CA GLN A 283 -5.93 -5.91 2.01
C GLN A 283 -6.60 -6.24 3.33
N TRP A 284 -7.12 -5.23 4.02
CA TRP A 284 -7.79 -5.43 5.30
C TRP A 284 -9.03 -6.27 5.13
N THR A 285 -9.87 -5.90 4.18
CA THR A 285 -11.16 -6.56 4.04
C THR A 285 -11.01 -7.97 3.49
N LEU A 286 -9.90 -8.23 2.79
CA LEU A 286 -9.55 -9.58 2.37
C LEU A 286 -9.20 -10.43 3.57
N GLU A 287 -8.21 -9.97 4.33
CA GLU A 287 -7.79 -10.61 5.58
C GLU A 287 -8.97 -10.94 6.48
N TRP A 288 -9.80 -9.93 6.73
CA TRP A 288 -11.06 -10.07 7.46
C TRP A 288 -11.89 -11.27 6.99
N ALA A 289 -12.13 -11.38 5.69
CA ALA A 289 -12.97 -12.44 5.15
C ALA A 289 -12.25 -13.79 5.13
N ARG A 290 -11.05 -13.81 4.56
CA ARG A 290 -10.20 -15.01 4.56
C ARG A 290 -10.26 -15.68 5.92
N ASN A 291 -10.16 -14.87 6.98
CA ASN A 291 -10.23 -15.39 8.33
C ASN A 291 -11.63 -15.85 8.76
N LEU A 292 -12.65 -15.07 8.40
CA LEU A 292 -14.04 -15.41 8.70
C LEU A 292 -14.45 -16.76 8.10
N VAL A 293 -14.06 -16.98 6.85
CA VAL A 293 -14.35 -18.23 6.15
C VAL A 293 -13.73 -19.46 6.86
N GLU A 294 -12.49 -19.33 7.30
CA GLU A 294 -11.88 -20.37 8.10
C GLU A 294 -12.75 -20.78 9.28
N ASN A 295 -13.22 -19.80 10.03
CA ASN A 295 -13.93 -20.08 11.27
C ASN A 295 -15.38 -20.50 11.12
N ALA A 296 -15.90 -20.43 9.90
CA ALA A 296 -17.29 -20.80 9.62
C ALA A 296 -17.57 -22.23 10.04
N PRO A 297 -18.83 -22.54 10.37
CA PRO A 297 -19.16 -23.92 10.75
C PRO A 297 -19.16 -24.89 9.56
N HIS A 298 -18.94 -26.18 9.84
CA HIS A 298 -18.93 -27.23 8.82
C HIS A 298 -20.20 -28.05 8.93
N PRO A 299 -21.13 -27.92 7.96
CA PRO A 299 -22.33 -28.77 7.98
C PRO A 299 -22.11 -30.13 7.28
N ALA B 36 33.24 27.96 8.25
CA ALA B 36 34.56 28.48 8.58
C ALA B 36 35.64 27.84 7.72
N ASP B 37 35.44 27.88 6.40
CA ASP B 37 36.40 27.30 5.47
C ASP B 37 35.69 26.40 4.45
N CYS B 38 35.32 25.21 4.89
CA CYS B 38 34.64 24.25 4.03
C CYS B 38 33.13 24.22 4.31
N PRO B 39 32.41 23.41 3.54
CA PRO B 39 30.96 23.29 3.72
C PRO B 39 30.62 22.86 5.13
N ASP B 40 29.36 23.09 5.51
CA ASP B 40 28.89 22.74 6.84
C ASP B 40 28.35 21.34 6.93
N VAL B 41 27.66 20.88 5.89
CA VAL B 41 27.12 19.54 5.91
C VAL B 41 27.28 18.86 4.54
N MET B 42 27.75 17.60 4.56
CA MET B 42 27.83 16.75 3.36
C MET B 42 26.70 15.73 3.37
N MET B 43 25.94 15.70 2.27
CA MET B 43 24.88 14.69 2.13
C MET B 43 25.34 13.58 1.21
N VAL B 44 25.44 12.38 1.76
CA VAL B 44 25.80 11.21 0.98
C VAL B 44 24.56 10.46 0.49
N SER B 45 24.46 10.29 -0.82
CA SER B 45 23.35 9.58 -1.45
C SER B 45 23.94 8.38 -2.18
N ILE B 46 23.53 7.17 -1.80
CA ILE B 46 24.04 5.95 -2.48
C ILE B 46 22.95 5.29 -3.31
N PRO B 47 23.12 5.28 -4.64
CA PRO B 47 22.09 4.75 -5.52
C PRO B 47 22.01 3.24 -5.44
N GLY B 48 20.89 2.69 -5.90
CA GLY B 48 20.69 1.26 -5.91
C GLY B 48 21.41 0.59 -7.05
N THR B 49 21.11 -0.69 -7.24
CA THR B 49 21.62 -1.49 -8.33
C THR B 49 21.15 -0.89 -9.66
N TRP B 50 22.05 -0.83 -10.63
CA TRP B 50 21.76 -0.33 -11.98
C TRP B 50 21.32 1.13 -12.03
N GLU B 51 21.77 1.88 -11.04
CA GLU B 51 21.48 3.31 -10.98
C GLU B 51 22.73 4.16 -10.72
N SER B 52 23.91 3.58 -10.96
CA SER B 52 25.18 4.30 -10.89
C SER B 52 26.27 3.57 -11.68
N SER B 53 27.34 4.29 -12.01
CA SER B 53 28.53 3.68 -12.60
C SER B 53 29.73 4.43 -12.00
N PRO B 54 30.95 3.87 -12.14
CA PRO B 54 32.07 4.51 -11.42
C PRO B 54 32.49 5.81 -12.09
N THR B 55 31.83 6.09 -13.20
CA THR B 55 32.26 7.06 -14.16
C THR B 55 31.35 8.31 -14.08
N ASP B 56 30.31 8.21 -13.26
CA ASP B 56 29.30 9.26 -13.10
C ASP B 56 29.84 10.40 -12.24
N ASP B 57 29.34 11.62 -12.49
CA ASP B 57 29.65 12.81 -11.70
C ASP B 57 29.14 12.61 -10.26
N PRO B 58 30.02 12.81 -9.26
CA PRO B 58 29.62 12.75 -7.85
C PRO B 58 28.69 13.88 -7.44
N PHE B 59 28.69 14.97 -8.22
CA PHE B 59 27.95 16.17 -7.87
C PHE B 59 26.87 16.46 -8.90
N ASN B 60 26.84 15.68 -9.96
CA ASN B 60 25.75 15.73 -10.92
C ASN B 60 25.43 14.38 -11.57
N PRO B 61 24.81 13.45 -10.80
CA PRO B 61 24.44 12.13 -11.32
C PRO B 61 23.58 12.32 -12.58
N THR B 62 23.95 11.68 -13.68
CA THR B 62 23.33 12.00 -14.96
C THR B 62 23.11 10.79 -15.85
N GLN B 63 23.92 9.76 -15.63
CA GLN B 63 23.87 8.56 -16.46
C GLN B 63 22.61 7.73 -16.28
N PHE B 64 22.06 7.74 -15.07
CA PHE B 64 20.86 6.97 -14.75
C PHE B 64 19.77 7.91 -14.24
N PRO B 65 19.17 8.69 -15.15
CA PRO B 65 18.27 9.74 -14.75
C PRO B 65 17.11 9.21 -13.93
N LEU B 66 16.71 7.96 -14.19
CA LEU B 66 15.62 7.36 -13.46
C LEU B 66 15.99 6.94 -12.03
N SER B 67 17.27 7.05 -11.66
CA SER B 67 17.75 6.60 -10.35
C SER B 67 16.88 7.13 -9.23
N LEU B 68 16.46 6.23 -8.35
CA LEU B 68 15.55 6.63 -7.29
C LEU B 68 16.15 7.72 -6.41
N MET B 69 17.40 7.57 -5.99
CA MET B 69 18.04 8.53 -5.09
C MET B 69 18.20 9.94 -5.69
N SER B 70 18.03 10.05 -7.00
CA SER B 70 18.14 11.35 -7.66
C SER B 70 16.98 12.24 -7.27
N ASN B 71 15.83 11.63 -7.04
CA ASN B 71 14.62 12.32 -6.62
C ASN B 71 14.81 13.03 -5.28
N ILE B 72 15.79 12.57 -4.50
CA ILE B 72 16.12 13.19 -3.21
C ILE B 72 17.31 14.13 -3.36
N SER B 73 18.40 13.63 -3.96
CA SER B 73 19.66 14.38 -4.01
C SER B 73 19.62 15.64 -4.87
N LYS B 74 19.00 15.53 -6.06
CA LYS B 74 18.93 16.68 -6.99
C LYS B 74 18.21 17.91 -6.40
N PRO B 75 16.98 17.73 -5.85
CA PRO B 75 16.30 18.87 -5.24
C PRO B 75 17.10 19.53 -4.13
N LEU B 76 17.81 18.74 -3.34
CA LEU B 76 18.67 19.27 -2.29
C LEU B 76 19.75 20.18 -2.85
N ALA B 77 20.42 19.72 -3.90
CA ALA B 77 21.56 20.43 -4.48
C ALA B 77 21.21 21.84 -4.91
N GLU B 78 20.10 21.98 -5.64
CA GLU B 78 19.66 23.28 -6.14
C GLU B 78 18.97 24.12 -5.08
N GLN B 79 18.37 23.46 -4.09
CA GLN B 79 17.70 24.18 -3.01
C GLN B 79 18.69 24.81 -2.01
N PHE B 80 19.93 24.33 -2.00
CA PHE B 80 20.91 24.77 -1.00
C PHE B 80 22.21 25.27 -1.59
N GLY B 81 22.76 26.30 -0.94
CA GLY B 81 24.06 26.87 -1.32
C GLY B 81 25.23 25.93 -1.06
N PRO B 82 26.35 26.11 -1.80
CA PRO B 82 27.56 25.32 -1.67
C PRO B 82 28.24 25.49 -0.32
N ASP B 83 28.07 26.65 0.31
CA ASP B 83 28.66 26.95 1.62
C ASP B 83 28.03 26.07 2.67
N ARG B 84 26.70 25.94 2.59
CA ARG B 84 25.91 25.16 3.54
C ARG B 84 26.00 23.67 3.28
N LEU B 85 25.69 23.26 2.05
CA LEU B 85 25.53 21.84 1.74
C LEU B 85 26.26 21.40 0.49
N GLN B 86 26.95 20.27 0.61
CA GLN B 86 27.44 19.55 -0.57
C GLN B 86 26.74 18.19 -0.66
N VAL B 87 26.08 17.94 -1.78
CA VAL B 87 25.47 16.63 -2.02
C VAL B 87 26.31 15.77 -2.96
N TYR B 88 26.63 14.59 -2.46
CA TYR B 88 27.53 13.67 -3.14
C TYR B 88 26.80 12.38 -3.39
N THR B 89 26.65 11.98 -4.65
CA THR B 89 26.21 10.62 -4.88
C THR B 89 27.36 9.76 -5.37
N THR B 90 27.49 8.60 -4.74
CA THR B 90 28.57 7.65 -4.99
C THR B 90 28.60 7.16 -6.43
N PRO B 91 29.73 7.36 -7.13
CA PRO B 91 29.86 6.74 -8.42
C PRO B 91 30.43 5.35 -8.23
N TYR B 92 29.59 4.33 -8.33
CA TYR B 92 30.09 2.96 -8.23
C TYR B 92 29.43 2.01 -9.22
N THR B 93 29.99 0.82 -9.34
CA THR B 93 29.60 -0.10 -10.40
C THR B 93 28.13 -0.48 -10.31
N ALA B 94 27.63 -0.64 -9.07
CA ALA B 94 26.21 -0.91 -8.82
C ALA B 94 25.65 -1.93 -9.78
N GLN B 95 26.22 -3.12 -9.73
CA GLN B 95 25.73 -4.24 -10.51
C GLN B 95 25.39 -5.40 -9.59
N PHE B 96 24.84 -6.46 -10.18
CA PHE B 96 24.46 -7.65 -9.44
C PHE B 96 24.43 -8.74 -10.47
N HIS B 97 25.56 -9.42 -10.62
CA HIS B 97 25.72 -10.44 -11.62
C HIS B 97 24.80 -11.60 -11.31
N ASN B 98 24.19 -12.17 -12.33
CA ASN B 98 23.40 -13.38 -12.21
C ASN B 98 23.98 -14.46 -13.15
N PRO B 99 24.56 -15.56 -12.59
CA PRO B 99 25.24 -16.60 -13.35
C PRO B 99 24.35 -17.31 -14.37
N PHE B 100 23.04 -17.22 -14.19
CA PHE B 100 22.11 -17.92 -15.06
C PHE B 100 21.88 -17.23 -16.42
N ALA B 101 21.91 -15.89 -16.45
CA ALA B 101 22.22 -15.17 -17.70
C ALA B 101 23.76 -15.14 -17.90
N ALA B 102 24.23 -14.87 -19.12
CA ALA B 102 25.69 -14.61 -19.31
C ALA B 102 26.01 -13.12 -19.03
N ASP B 103 25.61 -12.62 -17.85
CA ASP B 103 25.95 -11.25 -17.39
C ASP B 103 27.46 -11.02 -17.47
N LYS B 104 27.84 -9.93 -18.12
CA LYS B 104 29.22 -9.51 -17.99
C LYS B 104 29.29 -8.52 -16.83
N GLN B 105 28.39 -8.70 -15.86
CA GLN B 105 28.33 -7.84 -14.70
C GLN B 105 29.26 -8.24 -13.59
N MET B 106 29.55 -7.27 -12.72
CA MET B 106 30.32 -7.50 -11.52
C MET B 106 29.44 -8.22 -10.50
N SER B 107 30.02 -9.16 -9.75
CA SER B 107 29.27 -9.85 -8.71
C SER B 107 28.69 -8.86 -7.70
N TYR B 108 27.62 -9.25 -7.02
CA TYR B 108 27.00 -8.41 -6.02
C TYR B 108 27.97 -8.13 -4.92
N ASN B 109 28.74 -9.15 -4.54
CA ASN B 109 29.69 -9.02 -3.44
C ASN B 109 30.71 -7.92 -3.65
N ASP B 110 31.43 -8.00 -4.76
CA ASP B 110 32.41 -6.99 -5.08
C ASP B 110 31.72 -5.67 -5.19
N SER B 111 30.65 -5.66 -5.94
CA SER B 111 30.01 -4.39 -6.27
C SER B 111 29.70 -3.64 -4.98
N ARG B 112 28.99 -4.31 -4.07
CA ARG B 112 28.68 -3.79 -2.74
C ARG B 112 29.97 -3.33 -2.07
N ALA B 113 31.03 -4.13 -2.23
CA ALA B 113 32.36 -3.85 -1.66
C ALA B 113 32.96 -2.57 -2.20
N GLU B 114 33.00 -2.45 -3.53
CA GLU B 114 33.44 -1.22 -4.19
C GLU B 114 32.67 -0.01 -3.67
N GLY B 115 31.35 -0.07 -3.78
CA GLY B 115 30.48 1.03 -3.36
C GLY B 115 30.81 1.53 -1.97
N MET B 116 31.21 0.62 -1.10
CA MET B 116 31.56 1.01 0.25
C MET B 116 32.94 1.69 0.31
N ARG B 117 33.95 1.06 -0.28
CA ARG B 117 35.26 1.69 -0.36
C ARG B 117 35.11 3.10 -0.85
N THR B 118 34.45 3.27 -2.00
CA THR B 118 34.28 4.59 -2.63
C THR B 118 33.65 5.61 -1.69
N THR B 119 32.62 5.18 -0.95
CA THR B 119 31.86 6.08 -0.10
C THR B 119 32.61 6.48 1.16
N VAL B 120 33.28 5.52 1.81
CA VAL B 120 34.01 5.84 3.04
C VAL B 120 35.25 6.71 2.77
N LYS B 121 35.84 6.54 1.58
CA LYS B 121 36.96 7.36 1.14
C LYS B 121 36.48 8.79 0.87
N ALA B 122 35.30 8.90 0.26
CA ALA B 122 34.64 10.18 0.08
C ALA B 122 34.39 10.84 1.43
N MET B 123 33.85 10.06 2.36
CA MET B 123 33.60 10.53 3.73
C MET B 123 34.90 10.88 4.48
N THR B 124 35.92 10.02 4.34
CA THR B 124 37.24 10.23 4.96
C THR B 124 37.88 11.54 4.53
N ASP B 125 37.90 11.78 3.23
CA ASP B 125 38.54 12.96 2.65
C ASP B 125 37.86 14.24 3.10
N MET B 126 36.54 14.30 2.93
CA MET B 126 35.75 15.45 3.36
C MET B 126 35.92 15.75 4.87
N ASN B 127 36.21 14.71 5.65
CA ASN B 127 36.51 14.85 7.07
C ASN B 127 37.91 15.44 7.37
N ASP B 128 38.90 15.09 6.55
CA ASP B 128 40.25 15.60 6.75
C ASP B 128 40.36 17.04 6.28
N ARG B 129 39.74 17.35 5.15
CA ARG B 129 39.62 18.72 4.66
C ARG B 129 38.74 19.55 5.60
N CYS B 130 37.63 18.96 6.05
CA CYS B 130 36.70 19.65 6.95
C CYS B 130 36.31 18.79 8.15
N PRO B 131 37.16 18.77 9.20
CA PRO B 131 36.81 18.02 10.42
C PRO B 131 35.52 18.54 11.05
N LEU B 132 35.19 19.79 10.73
CA LEU B 132 33.97 20.48 11.20
C LEU B 132 32.65 19.86 10.69
N THR B 133 32.66 19.38 9.45
CA THR B 133 31.45 19.12 8.69
C THR B 133 30.61 17.97 9.21
N SER B 134 29.29 18.18 9.22
CA SER B 134 28.32 17.14 9.56
C SER B 134 27.85 16.36 8.33
N TYR B 135 27.21 15.19 8.54
CA TYR B 135 26.85 14.30 7.45
C TYR B 135 25.40 13.87 7.48
N VAL B 136 24.84 13.62 6.31
CA VAL B 136 23.50 13.06 6.17
C VAL B 136 23.56 11.95 5.12
N ILE B 137 23.11 10.76 5.49
CA ILE B 137 23.28 9.58 4.63
C ILE B 137 21.95 8.93 4.27
N ALA B 138 21.78 8.64 2.98
CA ALA B 138 20.61 7.93 2.46
C ALA B 138 20.98 6.99 1.30
N GLY B 139 20.29 5.86 1.21
CA GLY B 139 20.58 4.85 0.19
C GLY B 139 19.38 4.02 -0.22
N PHE B 140 19.43 3.50 -1.43
CA PHE B 140 18.37 2.68 -1.96
C PHE B 140 18.87 1.30 -2.40
N SER B 141 18.05 0.26 -2.18
CA SER B 141 18.44 -1.14 -2.36
C SER B 141 19.93 -1.39 -2.08
N GLN B 142 20.74 -1.72 -3.09
CA GLN B 142 22.15 -2.07 -2.85
C GLN B 142 22.81 -0.96 -2.04
N GLY B 143 22.52 0.28 -2.44
CA GLY B 143 23.02 1.48 -1.79
C GLY B 143 22.53 1.57 -0.36
N ALA B 144 21.34 1.02 -0.09
CA ALA B 144 20.80 1.01 1.26
C ALA B 144 21.56 0.05 2.17
N VAL B 145 22.00 -1.09 1.64
CA VAL B 145 22.75 -2.02 2.49
C VAL B 145 24.14 -1.42 2.72
N ILE B 146 24.71 -0.79 1.70
CA ILE B 146 26.00 -0.11 1.88
C ILE B 146 25.87 0.99 2.93
N ALA B 147 24.84 1.82 2.78
CA ALA B 147 24.65 2.94 3.69
C ALA B 147 24.44 2.42 5.10
N GLY B 148 23.65 1.35 5.22
CA GLY B 148 23.37 0.76 6.51
C GLY B 148 24.64 0.25 7.18
N ASP B 149 25.48 -0.45 6.41
CA ASP B 149 26.72 -1.02 6.95
C ASP B 149 27.58 0.09 7.52
N ILE B 150 27.56 1.22 6.81
CA ILE B 150 28.34 2.38 7.22
C ILE B 150 27.80 2.90 8.57
N ALA B 151 26.48 3.10 8.65
CA ALA B 151 25.83 3.54 9.88
C ALA B 151 26.17 2.62 11.03
N SER B 152 26.13 1.32 10.78
CA SER B 152 26.54 0.33 11.77
C SER B 152 27.92 0.68 12.35
N ASP B 153 28.88 0.94 11.47
CA ASP B 153 30.25 1.21 11.89
C ASP B 153 30.39 2.50 12.68
N ILE B 154 29.90 3.59 12.10
CA ILE B 154 29.94 4.89 12.75
C ILE B 154 29.28 4.76 14.12
N GLY B 155 28.14 4.09 14.13
CA GLY B 155 27.35 3.89 15.34
C GLY B 155 28.09 3.14 16.42
N ASN B 156 29.07 2.32 16.03
CA ASN B 156 29.82 1.53 17.01
C ASN B 156 31.27 1.99 17.19
N GLY B 157 31.53 3.24 16.82
CA GLY B 157 32.86 3.84 16.91
C GLY B 157 33.90 3.16 16.03
N ARG B 158 33.47 2.61 14.90
CA ARG B 158 34.37 1.92 13.98
C ARG B 158 34.78 2.82 12.82
N GLY B 159 34.36 4.07 12.85
CA GLY B 159 34.70 5.03 11.81
C GLY B 159 33.76 4.95 10.62
N PRO B 160 34.06 5.71 9.53
CA PRO B 160 35.21 6.58 9.33
C PRO B 160 35.06 7.94 10.03
N VAL B 161 33.92 8.16 10.68
CA VAL B 161 33.56 9.43 11.29
C VAL B 161 33.05 9.17 12.72
N ASP B 162 33.07 10.19 13.57
CA ASP B 162 32.51 10.08 14.92
C ASP B 162 30.99 10.21 14.90
N GLU B 163 30.34 9.47 15.79
CA GLU B 163 28.87 9.38 15.88
C GLU B 163 28.12 10.71 15.79
N ASP B 164 28.52 11.67 16.61
CA ASP B 164 27.80 12.94 16.78
C ASP B 164 27.77 13.79 15.53
N LEU B 165 28.65 13.49 14.59
CA LEU B 165 28.74 14.24 13.33
C LEU B 165 27.72 13.79 12.30
N VAL B 166 26.99 12.73 12.60
CA VAL B 166 25.96 12.24 11.68
C VAL B 166 24.59 12.70 12.16
N LEU B 167 23.92 13.47 11.31
CA LEU B 167 22.61 14.03 11.62
C LEU B 167 21.48 12.98 11.64
N GLY B 168 21.51 12.07 10.68
CA GLY B 168 20.52 11.00 10.58
C GLY B 168 20.72 10.21 9.31
N VAL B 169 20.21 9.00 9.29
CA VAL B 169 20.38 8.12 8.14
C VAL B 169 19.03 7.55 7.73
N THR B 170 18.80 7.44 6.43
CA THR B 170 17.58 6.82 5.94
C THR B 170 17.91 5.76 4.91
N LEU B 171 17.39 4.56 5.13
CA LEU B 171 17.61 3.43 4.23
C LEU B 171 16.30 2.98 3.59
N ILE B 172 16.29 2.86 2.26
CA ILE B 172 15.11 2.44 1.53
C ILE B 172 15.36 1.08 0.89
N ALA B 173 14.44 0.13 1.10
CA ALA B 173 14.56 -1.26 0.64
C ALA B 173 15.90 -1.92 1.03
N ASP B 174 16.17 -1.95 2.33
CA ASP B 174 17.42 -2.49 2.83
C ASP B 174 17.33 -3.99 3.00
N GLY B 175 18.08 -4.74 2.19
CA GLY B 175 18.11 -6.20 2.27
C GLY B 175 18.60 -6.77 3.59
N ARG B 176 18.99 -5.88 4.50
CA ARG B 176 19.53 -6.26 5.80
C ARG B 176 18.62 -5.82 6.95
N ARG B 177 17.43 -5.34 6.61
CA ARG B 177 16.52 -4.79 7.61
C ARG B 177 16.16 -5.83 8.66
N GLN B 178 16.24 -5.47 9.93
CA GLN B 178 15.68 -6.27 11.01
C GLN B 178 14.70 -5.44 11.81
N MET B 179 13.60 -6.05 12.22
CA MET B 179 12.64 -5.36 13.06
C MET B 179 13.32 -5.08 14.40
N GLY B 180 13.08 -3.90 14.95
CA GLY B 180 13.62 -3.52 16.24
C GLY B 180 14.87 -2.66 16.18
N VAL B 181 15.74 -2.95 15.21
CA VAL B 181 16.96 -2.18 15.03
C VAL B 181 16.80 -1.10 13.97
N GLY B 182 16.98 0.15 14.42
CA GLY B 182 16.69 1.33 13.61
C GLY B 182 15.25 1.73 13.77
N GLN B 183 14.92 2.96 13.36
CA GLN B 183 13.56 3.47 13.41
C GLN B 183 12.70 2.92 12.30
N ASP B 184 11.48 2.51 12.67
CA ASP B 184 10.55 1.93 11.72
C ASP B 184 9.58 2.99 11.18
N VAL B 185 9.95 3.61 10.06
CA VAL B 185 9.16 4.73 9.54
C VAL B 185 8.08 4.30 8.53
N GLY B 186 6.85 4.69 8.81
CA GLY B 186 5.79 4.53 7.83
C GLY B 186 5.08 3.20 7.93
N PRO B 187 4.32 2.86 6.87
CA PRO B 187 3.48 1.66 6.85
C PRO B 187 4.28 0.44 6.45
N ASN B 188 5.48 0.31 7.03
CA ASN B 188 6.35 -0.84 6.81
C ASN B 188 5.70 -2.15 7.18
N PRO B 189 6.00 -3.21 6.43
CA PRO B 189 5.62 -4.55 6.87
C PRO B 189 6.57 -5.01 7.96
N ALA B 190 6.06 -5.78 8.92
CA ALA B 190 6.95 -6.45 9.86
C ALA B 190 7.64 -7.55 9.07
N GLY B 191 8.93 -7.73 9.31
CA GLY B 191 9.65 -8.79 8.63
C GLY B 191 11.12 -8.49 8.71
N GLN B 192 11.87 -8.97 7.72
CA GLN B 192 13.28 -8.67 7.66
C GLN B 192 13.77 -8.83 6.25
N GLY B 193 14.95 -8.29 5.97
CA GLY B 193 15.54 -8.39 4.65
C GLY B 193 15.92 -9.79 4.21
N ALA B 194 15.95 -9.99 2.91
CA ALA B 194 16.38 -11.24 2.33
C ALA B 194 17.78 -11.68 2.79
N GLU B 195 18.67 -10.71 3.09
CA GLU B 195 20.01 -11.04 3.61
C GLU B 195 19.97 -11.50 5.07
N ILE B 196 18.82 -11.34 5.71
CA ILE B 196 18.62 -11.87 7.05
C ILE B 196 18.05 -13.28 6.95
N THR B 197 16.93 -13.42 6.24
CA THR B 197 16.27 -14.71 6.18
C THR B 197 17.04 -15.72 5.35
N LEU B 198 17.95 -15.25 4.52
CA LEU B 198 18.74 -16.12 3.66
C LEU B 198 20.21 -16.21 4.09
N HIS B 199 20.48 -15.78 5.31
CA HIS B 199 21.82 -15.83 5.89
C HIS B 199 22.47 -17.25 5.87
N GLU B 200 21.72 -18.31 6.25
CA GLU B 200 22.24 -19.71 6.21
C GLU B 200 22.65 -20.17 4.78
N VAL B 201 21.82 -19.79 3.78
CA VAL B 201 21.88 -20.36 2.43
C VAL B 201 23.25 -20.22 1.76
N PRO B 202 23.99 -21.32 1.65
CA PRO B 202 25.39 -21.28 1.20
C PRO B 202 25.55 -20.90 -0.28
N ALA B 203 25.00 -21.73 -1.15
CA ALA B 203 25.18 -21.61 -2.58
C ALA B 203 25.24 -20.13 -3.00
N LEU B 204 24.37 -19.30 -2.45
CA LEU B 204 24.31 -17.87 -2.77
C LEU B 204 25.68 -17.22 -2.65
N SER B 205 26.30 -17.40 -1.50
CA SER B 205 27.63 -16.89 -1.29
C SER B 205 28.58 -17.35 -2.39
N ALA B 206 28.72 -18.67 -2.55
CA ALA B 206 29.59 -19.26 -3.57
C ALA B 206 29.35 -18.67 -4.95
N LEU B 207 28.11 -18.27 -5.16
CA LEU B 207 27.62 -17.84 -6.46
C LEU B 207 27.86 -16.35 -6.68
N GLY B 208 28.42 -15.69 -5.66
CA GLY B 208 28.88 -14.33 -5.80
C GLY B 208 28.03 -13.30 -5.09
N LEU B 209 27.07 -13.75 -4.29
CA LEU B 209 26.19 -12.84 -3.58
C LEU B 209 25.84 -13.30 -2.17
N THR B 210 26.73 -13.06 -1.22
CA THR B 210 26.50 -13.59 0.11
C THR B 210 25.46 -12.78 0.85
N MET B 211 24.49 -13.47 1.41
CA MET B 211 23.51 -12.90 2.32
C MET B 211 24.17 -12.76 3.68
N THR B 212 24.47 -11.52 4.06
CA THR B 212 25.42 -11.24 5.13
C THR B 212 24.83 -11.20 6.54
N GLY B 213 23.54 -11.52 6.67
CA GLY B 213 22.93 -11.61 7.99
C GLY B 213 22.86 -10.31 8.78
N PRO B 214 22.61 -10.40 10.10
CA PRO B 214 22.40 -9.22 10.95
C PRO B 214 23.66 -8.35 11.08
N ARG B 215 23.46 -7.03 11.16
CA ARG B 215 24.57 -6.09 11.33
C ARG B 215 25.07 -6.09 12.77
N PRO B 216 26.38 -6.33 12.96
CA PRO B 216 26.98 -6.52 14.27
C PRO B 216 26.91 -5.24 15.09
N GLY B 217 26.30 -5.33 16.28
CA GLY B 217 26.10 -4.17 17.15
C GLY B 217 25.00 -3.23 16.68
N GLY B 218 24.24 -3.64 15.66
CA GLY B 218 23.16 -2.82 15.11
C GLY B 218 23.67 -1.48 14.60
N PHE B 219 22.81 -0.46 14.66
CA PHE B 219 23.22 0.91 14.25
C PHE B 219 23.83 1.69 15.41
N GLY B 220 24.17 0.98 16.49
CA GLY B 220 24.86 1.56 17.64
C GLY B 220 24.20 2.82 18.17
N ALA B 221 25.00 3.86 18.34
CA ALA B 221 24.52 5.12 18.89
C ALA B 221 23.67 5.87 17.89
N LEU B 222 23.70 5.42 16.63
CA LEU B 222 22.90 6.00 15.55
C LEU B 222 21.50 5.42 15.44
N ASP B 223 21.20 4.44 16.29
CA ASP B 223 19.93 3.71 16.27
C ASP B 223 18.68 4.60 16.30
N ASN B 224 18.77 5.75 16.99
CA ASN B 224 17.65 6.66 17.12
C ASN B 224 17.49 7.60 15.93
N ARG B 225 18.51 7.65 15.08
CA ARG B 225 18.54 8.59 13.94
C ARG B 225 18.50 7.88 12.60
N THR B 226 18.58 6.55 12.64
CA THR B 226 18.61 5.71 11.44
C THR B 226 17.21 5.20 11.11
N ASN B 227 16.70 5.62 9.95
CA ASN B 227 15.33 5.32 9.56
C ASN B 227 15.27 4.19 8.54
N GLN B 228 14.25 3.37 8.67
CA GLN B 228 14.01 2.30 7.73
C GLN B 228 12.68 2.45 6.99
N ILE B 229 12.74 2.39 5.65
CA ILE B 229 11.56 2.44 4.79
C ILE B 229 11.53 1.18 3.97
N CYS B 230 10.36 0.53 3.92
CA CYS B 230 10.19 -0.71 3.17
C CYS B 230 8.76 -0.88 2.67
N GLY B 231 8.62 -1.19 1.39
CA GLY B 231 7.31 -1.30 0.75
C GLY B 231 6.62 -2.63 0.98
N SER B 232 5.33 -2.56 1.31
CA SER B 232 4.53 -3.78 1.45
C SER B 232 4.61 -4.61 0.17
N GLY B 233 5.28 -5.75 0.24
CA GLY B 233 5.42 -6.64 -0.91
C GLY B 233 6.83 -6.75 -1.45
N ASP B 234 7.72 -5.91 -0.95
CA ASP B 234 9.08 -5.86 -1.45
C ASP B 234 9.86 -6.99 -0.86
N LEU B 235 10.22 -7.98 -1.68
CA LEU B 235 10.88 -9.19 -1.17
C LEU B 235 12.31 -8.97 -0.72
N ILE B 236 12.90 -7.83 -1.07
CA ILE B 236 14.26 -7.52 -0.64
C ILE B 236 14.32 -7.17 0.84
N CYS B 237 13.37 -6.36 1.31
CA CYS B 237 13.40 -5.91 2.70
C CYS B 237 12.24 -6.45 3.56
N SER B 238 11.34 -7.19 2.92
CA SER B 238 10.30 -7.89 3.63
C SER B 238 10.27 -9.30 3.04
N ALA B 239 11.14 -10.16 3.55
CA ALA B 239 11.33 -11.51 3.02
C ALA B 239 10.79 -12.58 3.96
N PRO B 240 9.71 -13.26 3.56
CA PRO B 240 9.20 -14.42 4.29
C PRO B 240 9.94 -15.70 3.88
N GLU B 241 10.06 -16.65 4.80
CA GLU B 241 10.75 -17.92 4.48
C GLU B 241 10.15 -18.55 3.22
N GLN B 242 8.83 -18.65 3.17
CA GLN B 242 8.09 -19.26 2.07
C GLN B 242 8.44 -18.68 0.69
N ALA B 243 8.93 -17.45 0.67
CA ALA B 243 9.11 -16.74 -0.58
C ALA B 243 10.22 -17.33 -1.44
N PHE B 244 11.22 -17.92 -0.81
CA PHE B 244 12.40 -18.40 -1.54
C PHE B 244 12.59 -19.89 -1.48
N SER B 245 13.16 -20.43 -2.56
CA SER B 245 13.54 -21.84 -2.60
C SER B 245 14.93 -22.03 -3.22
N VAL B 246 15.57 -23.09 -2.81
CA VAL B 246 16.84 -23.53 -3.41
C VAL B 246 16.56 -24.36 -4.69
N PHE B 247 15.42 -25.05 -4.71
CA PHE B 247 14.95 -25.73 -5.89
C PHE B 247 14.64 -24.76 -7.01
N ASN B 248 14.67 -23.46 -6.69
CA ASN B 248 14.20 -22.44 -7.61
C ASN B 248 15.13 -21.24 -7.65
N LEU B 249 16.36 -21.50 -8.06
CA LEU B 249 17.45 -20.56 -7.87
C LEU B 249 17.52 -19.44 -8.90
N PRO B 250 17.20 -19.73 -10.17
CA PRO B 250 17.09 -18.59 -11.09
C PRO B 250 16.13 -17.51 -10.57
N LYS B 251 14.90 -17.91 -10.29
CA LYS B 251 13.88 -16.98 -9.80
C LYS B 251 14.28 -16.33 -8.50
N THR B 252 15.17 -16.98 -7.76
CA THR B 252 15.66 -16.42 -6.52
C THR B 252 16.60 -15.26 -6.80
N LEU B 253 17.51 -15.47 -7.73
CA LEU B 253 18.48 -14.45 -8.08
C LEU B 253 17.84 -13.26 -8.77
N GLU B 254 16.89 -13.53 -9.66
CA GLU B 254 16.14 -12.45 -10.28
C GLU B 254 15.52 -11.61 -9.19
N THR B 255 14.79 -12.28 -8.30
CA THR B 255 14.13 -11.59 -7.21
C THR B 255 15.11 -10.80 -6.38
N LEU B 256 16.26 -11.38 -6.11
CA LEU B 256 17.24 -10.71 -5.25
C LEU B 256 17.90 -9.51 -5.92
N SER B 257 18.16 -9.61 -7.22
CA SER B 257 18.84 -8.56 -7.94
C SER B 257 17.95 -7.32 -8.11
N GLY B 258 16.64 -7.54 -8.22
CA GLY B 258 15.69 -6.42 -8.42
C GLY B 258 14.69 -6.71 -9.52
N SER B 259 15.19 -7.14 -10.68
CA SER B 259 14.35 -7.56 -11.81
C SER B 259 13.04 -8.19 -11.37
N ALA B 260 13.09 -9.22 -10.52
CA ALA B 260 11.91 -10.03 -10.21
C ALA B 260 11.24 -9.72 -8.89
N ALA B 261 11.85 -8.86 -8.08
CA ALA B 261 11.14 -8.25 -6.98
C ALA B 261 10.05 -7.46 -7.68
N GLY B 262 8.81 -7.50 -7.18
CA GLY B 262 7.65 -6.97 -7.93
C GLY B 262 7.80 -5.52 -8.39
N PRO B 263 6.76 -4.95 -9.02
CA PRO B 263 6.63 -3.51 -9.20
C PRO B 263 6.94 -2.73 -7.92
N VAL B 264 6.41 -3.21 -6.80
CA VAL B 264 6.67 -2.64 -5.49
C VAL B 264 8.06 -2.01 -5.39
N HIS B 265 9.06 -2.77 -5.82
CA HIS B 265 10.44 -2.38 -5.69
C HIS B 265 10.84 -1.22 -6.62
N ALA B 266 10.24 -1.18 -7.80
CA ALA B 266 10.45 -0.06 -8.69
C ALA B 266 9.74 1.21 -8.17
N LEU B 267 8.48 1.07 -7.76
CA LEU B 267 7.54 2.16 -7.52
C LEU B 267 7.71 2.98 -6.24
N TYR B 268 8.92 3.05 -5.68
CA TYR B 268 9.09 3.81 -4.44
C TYR B 268 8.91 5.31 -4.68
N ASN B 269 8.90 5.70 -5.94
CA ASN B 269 8.57 7.07 -6.27
C ASN B 269 7.06 7.37 -6.33
N THR B 270 6.26 6.35 -6.03
CA THR B 270 4.80 6.46 -6.04
C THR B 270 4.28 6.10 -4.66
N PRO B 271 3.05 6.53 -4.33
CA PRO B 271 2.48 6.28 -3.01
C PRO B 271 1.61 5.03 -3.02
N GLN B 272 1.96 4.07 -3.85
CA GLN B 272 1.14 2.88 -4.07
C GLN B 272 1.29 1.83 -2.99
N PHE B 273 2.50 1.71 -2.45
CA PHE B 273 2.84 0.66 -1.47
C PHE B 273 3.40 1.17 -0.16
N TRP B 274 4.14 2.26 -0.22
CA TRP B 274 4.59 2.94 0.99
C TRP B 274 4.31 4.44 0.89
N VAL B 275 3.60 4.97 1.89
CA VAL B 275 3.37 6.41 1.98
C VAL B 275 3.20 6.82 3.44
N GLU B 276 3.93 7.83 3.88
CA GLU B 276 3.72 8.31 5.22
C GLU B 276 3.19 9.73 5.17
N ASN B 277 2.33 10.06 6.10
CA ASN B 277 1.84 11.42 6.12
C ASN B 277 1.78 11.90 4.71
N GLY B 278 1.24 11.10 3.80
CA GLY B 278 1.04 11.60 2.46
C GLY B 278 2.22 11.60 1.50
N GLN B 279 3.44 11.80 1.98
CA GLN B 279 4.56 11.73 1.10
C GLN B 279 5.10 10.35 0.77
N THR B 280 5.41 10.20 -0.50
CA THR B 280 6.13 9.10 -1.10
C THR B 280 7.44 8.85 -0.35
N ALA B 281 8.00 7.65 -0.50
CA ALA B 281 9.27 7.31 0.15
C ALA B 281 10.39 8.27 -0.23
N THR B 282 10.28 8.81 -1.42
CA THR B 282 11.19 9.77 -1.97
C THR B 282 10.92 11.16 -1.39
N GLN B 283 9.65 11.54 -1.45
CA GLN B 283 9.24 12.85 -0.98
C GLN B 283 9.51 12.95 0.53
N TRP B 284 9.26 11.86 1.26
CA TRP B 284 9.45 11.85 2.70
C TRP B 284 10.90 12.09 3.02
N THR B 285 11.76 11.31 2.39
CA THR B 285 13.17 11.30 2.74
C THR B 285 13.87 12.59 2.27
N LEU B 286 13.29 13.23 1.25
CA LEU B 286 13.73 14.55 0.85
C LEU B 286 13.42 15.55 1.96
N GLU B 287 12.15 15.64 2.34
CA GLU B 287 11.69 16.52 3.40
C GLU B 287 12.51 16.34 4.67
N TRP B 288 12.73 15.09 5.06
CA TRP B 288 13.54 14.71 6.20
C TRP B 288 14.92 15.36 6.16
N ALA B 289 15.60 15.22 5.03
CA ALA B 289 16.93 15.78 4.85
C ALA B 289 16.91 17.31 4.75
N ARG B 290 16.12 17.82 3.82
CA ARG B 290 15.94 19.25 3.64
C ARG B 290 15.86 19.93 5.01
N ASN B 291 15.08 19.33 5.90
CA ASN B 291 14.90 19.88 7.24
C ASN B 291 16.14 19.69 8.11
N LEU B 292 16.75 18.51 8.05
CA LEU B 292 17.96 18.21 8.83
C LEU B 292 19.07 19.21 8.52
N VAL B 293 19.28 19.47 7.23
CA VAL B 293 20.30 20.40 6.76
C VAL B 293 20.10 21.80 7.35
N GLU B 294 18.85 22.29 7.34
CA GLU B 294 18.56 23.57 7.98
C GLU B 294 19.06 23.62 9.42
N ASN B 295 18.82 22.55 10.16
CA ASN B 295 19.09 22.53 11.61
C ASN B 295 20.54 22.23 12.00
N ALA B 296 21.33 21.81 11.02
CA ALA B 296 22.75 21.55 11.22
C ALA B 296 23.47 22.77 11.80
N PRO B 297 24.56 22.56 12.56
CA PRO B 297 25.31 23.68 13.14
C PRO B 297 26.13 24.48 12.10
N HIS B 298 26.42 25.74 12.41
CA HIS B 298 27.22 26.60 11.53
C HIS B 298 28.63 26.79 12.12
N PRO B 299 29.66 26.18 11.50
CA PRO B 299 31.01 26.41 11.97
C PRO B 299 31.64 27.67 11.39
#